data_4PXO
#
_entry.id   4PXO
#
_cell.length_a   109.628
_cell.length_b   109.628
_cell.length_c   185.367
_cell.angle_alpha   90.00
_cell.angle_beta   90.00
_cell.angle_gamma   120.00
#
_symmetry.space_group_name_H-M   'P 65 2 2'
#
loop_
_entity.id
_entity.type
_entity.pdbx_description
1 polymer 'Maleylacetoacetate isomerase (Glutathione S-transferase)'
2 non-polymer 'MALONIC ACID'
3 non-polymer GLUTATHIONE
4 non-polymer 1,2-ETHANEDIOL
5 water water
#
_entity_poly.entity_id   1
_entity_poly.type   'polypeptide(L)'
_entity_poly.pdbx_seq_one_letter_code
;MHHHHHHSSGVDLGTENLYFQSMVKMYGNWRSAAAFRVRIALNLKGIAYEEVFLDLDAGDQHKPDFLAINPQGAVPALFD
GDGPPLTQSLAILDYLEETRTGVPLLPEEPRARARARSLAQVVACDTHPLYVPRVRTFLMENYGLPRERMLEFLRNAFIT
GLKTLETRLSNEAGTGRFCQGDAVSHADLCLISLWVGTGIFGIDTAAYPTVKRISEEVLALDAVARAHPLRQPGAPAS
;
_entity_poly.pdbx_strand_id   A,B
#
# COMPACT_ATOMS: atom_id res chain seq x y z
N SER A 22 -19.43 -2.90 -22.74
CA SER A 22 -19.38 -4.31 -23.23
C SER A 22 -18.46 -5.15 -22.37
N MET A 23 -17.20 -4.74 -22.28
CA MET A 23 -16.19 -5.54 -21.56
C MET A 23 -15.23 -4.66 -20.74
N VAL A 24 -14.59 -5.30 -19.77
CA VAL A 24 -13.72 -4.61 -18.86
C VAL A 24 -12.52 -4.06 -19.64
N LYS A 25 -12.10 -2.83 -19.36
CA LYS A 25 -10.98 -2.19 -20.05
C LYS A 25 -9.95 -1.74 -19.03
N MET A 26 -8.72 -2.20 -19.19
CA MET A 26 -7.64 -1.80 -18.30
C MET A 26 -6.56 -0.99 -19.01
N TYR A 27 -6.14 0.10 -18.39
CA TYR A 27 -4.96 0.85 -18.80
C TYR A 27 -3.80 0.30 -18.02
N GLY A 28 -2.85 -0.28 -18.75
CA GLY A 28 -1.73 -0.95 -18.13
C GLY A 28 -0.39 -0.63 -18.78
N ASN A 29 0.53 -1.57 -18.62
CA ASN A 29 1.91 -1.45 -19.11
C ASN A 29 2.51 -2.84 -19.01
N TRP A 30 3.43 -3.20 -19.91
CA TRP A 30 4.01 -4.57 -19.87
C TRP A 30 4.73 -4.89 -18.58
N ARG A 31 5.49 -3.94 -18.06
CA ARG A 31 6.39 -4.20 -16.96
C ARG A 31 5.73 -4.08 -15.58
N SER A 32 4.71 -3.23 -15.49
CA SER A 32 4.09 -2.84 -14.21
C SER A 32 3.66 -4.01 -13.34
N ALA A 33 4.22 -4.08 -12.13
CA ALA A 33 3.81 -5.09 -11.17
C ALA A 33 2.36 -4.91 -10.75
N ALA A 34 1.91 -3.66 -10.61
CA ALA A 34 0.54 -3.40 -10.20
C ALA A 34 -0.46 -3.87 -11.26
N ALA A 35 -0.17 -3.59 -12.53
CA ALA A 35 -1.04 -4.07 -13.63
C ALA A 35 -1.04 -5.61 -13.71
N PHE A 36 0.12 -6.21 -13.46
CA PHE A 36 0.26 -7.67 -13.46
C PHE A 36 -0.67 -8.28 -12.41
N ARG A 37 -0.75 -7.71 -11.21
CA ARG A 37 -1.63 -8.25 -10.16
C ARG A 37 -3.09 -8.32 -10.63
N VAL A 38 -3.52 -7.24 -11.26
CA VAL A 38 -4.90 -7.13 -11.73
C VAL A 38 -5.13 -8.08 -12.89
N ARG A 39 -4.16 -8.14 -13.80
CA ARG A 39 -4.24 -9.00 -14.96
C ARG A 39 -4.43 -10.46 -14.54
N ILE A 40 -3.67 -10.89 -13.54
CA ILE A 40 -3.78 -12.25 -13.01
C ILE A 40 -5.20 -12.51 -12.50
N ALA A 41 -5.73 -11.58 -11.71
CA ALA A 41 -7.07 -11.74 -11.13
C ALA A 41 -8.14 -11.86 -12.20
N LEU A 42 -8.04 -11.02 -13.24
CA LEU A 42 -9.00 -11.05 -14.35
C LEU A 42 -8.96 -12.43 -15.00
N ASN A 43 -7.75 -12.94 -15.25
CA ASN A 43 -7.61 -14.27 -15.85
C ASN A 43 -8.14 -15.39 -14.95
N LEU A 44 -7.79 -15.35 -13.66
CA LEU A 44 -8.23 -16.38 -12.73
C LEU A 44 -9.74 -16.46 -12.63
N LYS A 45 -10.40 -15.31 -12.67
CA LYS A 45 -11.84 -15.23 -12.56
C LYS A 45 -12.58 -15.37 -13.88
N GLY A 46 -11.84 -15.50 -14.98
CA GLY A 46 -12.46 -15.71 -16.28
C GLY A 46 -13.13 -14.47 -16.83
N ILE A 47 -12.64 -13.30 -16.45
CA ILE A 47 -13.20 -12.05 -16.91
C ILE A 47 -12.52 -11.57 -18.20
N ALA A 48 -13.30 -11.44 -19.26
CA ALA A 48 -12.80 -10.91 -20.53
C ALA A 48 -12.44 -9.43 -20.36
N TYR A 49 -11.32 -9.02 -20.94
CA TYR A 49 -10.84 -7.66 -20.78
C TYR A 49 -10.04 -7.24 -22.00
N GLU A 50 -9.95 -5.94 -22.21
CA GLU A 50 -8.98 -5.40 -23.14
C GLU A 50 -8.03 -4.52 -22.35
N GLU A 51 -6.75 -4.54 -22.74
CA GLU A 51 -5.74 -3.76 -22.05
C GLU A 51 -5.11 -2.79 -23.02
N VAL A 52 -5.00 -1.53 -22.59
CA VAL A 52 -4.32 -0.48 -23.34
C VAL A 52 -2.96 -0.31 -22.69
N PHE A 53 -1.88 -0.44 -23.46
CA PHE A 53 -0.53 -0.40 -22.91
C PHE A 53 0.09 0.99 -23.04
N LEU A 54 0.37 1.64 -21.92
CA LEU A 54 1.10 2.90 -21.91
C LEU A 54 2.61 2.63 -21.85
N ASP A 55 3.40 3.52 -22.44
CA ASP A 55 4.84 3.56 -22.19
C ASP A 55 5.21 4.48 -21.03
N LEU A 56 5.51 3.91 -19.87
CA LEU A 56 5.72 4.69 -18.64
C LEU A 56 7.12 5.34 -18.59
N ASP A 57 8.01 4.89 -19.46
CA ASP A 57 9.35 5.45 -19.57
C ASP A 57 9.36 6.67 -20.49
N ALA A 58 8.44 6.69 -21.46
CA ALA A 58 8.25 7.82 -22.37
C ALA A 58 7.28 8.88 -21.81
N GLY A 59 6.73 8.65 -20.62
CA GLY A 59 5.81 9.61 -19.99
C GLY A 59 4.37 9.67 -20.51
N ASP A 60 3.86 8.57 -21.09
CA ASP A 60 2.43 8.49 -21.49
C ASP A 60 1.50 8.73 -20.29
N GLN A 61 1.94 8.33 -19.11
CA GLN A 61 1.13 8.49 -17.89
C GLN A 61 0.99 9.96 -17.44
N HIS A 62 1.80 10.85 -18.01
CA HIS A 62 1.77 12.28 -17.69
C HIS A 62 1.02 13.11 -18.72
N LYS A 63 0.50 12.47 -19.78
CA LYS A 63 -0.26 13.17 -20.81
C LYS A 63 -1.63 13.59 -20.26
N PRO A 64 -2.11 14.79 -20.65
CA PRO A 64 -3.40 15.26 -20.13
C PRO A 64 -4.55 14.25 -20.28
N ASP A 65 -4.60 13.54 -21.41
CA ASP A 65 -5.65 12.53 -21.65
C ASP A 65 -5.66 11.45 -20.60
N PHE A 66 -4.49 10.97 -20.20
CA PHE A 66 -4.47 9.95 -19.17
C PHE A 66 -4.68 10.55 -17.77
N LEU A 67 -4.20 11.76 -17.53
CA LEU A 67 -4.43 12.40 -16.21
C LEU A 67 -5.92 12.65 -15.97
N ALA A 68 -6.68 12.82 -17.05
CA ALA A 68 -8.14 12.92 -16.99
C ALA A 68 -8.79 11.62 -16.46
N ILE A 69 -8.14 10.49 -16.73
CA ILE A 69 -8.57 9.20 -16.27
C ILE A 69 -8.08 8.91 -14.86
N ASN A 70 -6.78 9.11 -14.64
CA ASN A 70 -6.18 8.93 -13.32
C ASN A 70 -5.24 10.08 -13.00
N PRO A 71 -5.71 11.05 -12.17
CA PRO A 71 -4.87 12.19 -11.82
C PRO A 71 -3.54 11.81 -11.16
N GLN A 72 -3.48 10.63 -10.56
CA GLN A 72 -2.23 10.12 -10.01
C GLN A 72 -1.14 9.86 -11.06
N GLY A 73 -1.55 9.70 -12.33
CA GLY A 73 -0.58 9.43 -13.40
C GLY A 73 0.12 8.10 -13.22
N ALA A 74 -0.68 7.07 -12.94
CA ALA A 74 -0.18 5.71 -12.74
C ALA A 74 -1.15 4.65 -13.27
N VAL A 75 -0.62 3.45 -13.47
CA VAL A 75 -1.42 2.33 -13.90
C VAL A 75 -1.35 1.33 -12.80
N PRO A 76 -2.35 0.45 -12.71
CA PRO A 76 -3.51 0.30 -13.58
C PRO A 76 -4.67 1.26 -13.27
N ALA A 77 -5.46 1.50 -14.29
CA ALA A 77 -6.78 2.10 -14.15
C ALA A 77 -7.73 1.16 -14.88
N LEU A 78 -8.89 0.90 -14.29
CA LEU A 78 -9.80 -0.08 -14.81
C LEU A 78 -11.22 0.46 -14.96
N PHE A 79 -11.80 0.24 -16.14
CA PHE A 79 -13.20 0.58 -16.40
C PHE A 79 -14.04 -0.68 -16.40
N ASP A 80 -15.12 -0.65 -15.65
CA ASP A 80 -16.07 -1.77 -15.61
C ASP A 80 -17.43 -1.26 -16.08
N GLY A 81 -17.61 -1.23 -17.40
CA GLY A 81 -18.83 -0.77 -17.98
C GLY A 81 -19.02 0.70 -17.70
N ASP A 82 -20.24 1.06 -17.34
CA ASP A 82 -20.56 2.45 -17.01
C ASP A 82 -19.91 2.77 -15.67
N GLY A 83 -19.64 4.05 -15.44
CA GLY A 83 -19.08 4.47 -14.16
C GLY A 83 -17.65 4.94 -14.27
N PRO A 84 -17.17 5.64 -13.23
CA PRO A 84 -15.79 6.11 -13.26
C PRO A 84 -14.79 4.97 -13.23
N PRO A 85 -13.54 5.26 -13.65
CA PRO A 85 -12.50 4.27 -13.57
C PRO A 85 -12.09 4.02 -12.12
N LEU A 86 -11.61 2.82 -11.88
CA LEU A 86 -11.04 2.39 -10.61
C LEU A 86 -9.54 2.35 -10.70
N THR A 87 -8.85 2.78 -9.66
CA THR A 87 -7.41 2.69 -9.59
C THR A 87 -7.02 1.99 -8.31
N GLN A 88 -5.72 1.67 -8.23
CA GLN A 88 -5.04 1.01 -7.11
C GLN A 88 -5.29 -0.49 -7.12
N SER A 89 -4.25 -1.26 -7.40
CA SER A 89 -4.37 -2.69 -7.61
C SER A 89 -5.08 -3.43 -6.48
N LEU A 90 -4.76 -3.15 -5.21
CA LEU A 90 -5.44 -3.88 -4.12
C LEU A 90 -6.92 -3.55 -4.06
N ALA A 91 -7.28 -2.27 -4.18
CA ALA A 91 -8.68 -1.88 -4.23
C ALA A 91 -9.41 -2.57 -5.40
N ILE A 92 -8.75 -2.64 -6.54
CA ILE A 92 -9.32 -3.33 -7.70
C ILE A 92 -9.48 -4.84 -7.44
N LEU A 93 -8.50 -5.47 -6.82
CA LEU A 93 -8.61 -6.90 -6.49
C LEU A 93 -9.81 -7.13 -5.59
N ASP A 94 -10.01 -6.28 -4.58
CA ASP A 94 -11.20 -6.42 -3.74
C ASP A 94 -12.50 -6.14 -4.51
N TYR A 95 -12.48 -5.16 -5.42
CA TYR A 95 -13.63 -4.90 -6.25
C TYR A 95 -14.04 -6.14 -7.06
N LEU A 96 -13.06 -6.80 -7.66
CA LEU A 96 -13.31 -8.02 -8.43
C LEU A 96 -13.84 -9.14 -7.53
N GLU A 97 -13.29 -9.22 -6.32
CA GLU A 97 -13.77 -10.18 -5.33
C GLU A 97 -15.24 -9.96 -4.97
N GLU A 98 -15.65 -8.70 -4.89
CA GLU A 98 -16.97 -8.34 -4.45
C GLU A 98 -18.00 -8.36 -5.59
N THR A 99 -17.54 -8.28 -6.83
CA THR A 99 -18.48 -8.19 -7.95
C THR A 99 -18.51 -9.44 -8.85
N ARG A 100 -17.46 -10.26 -8.80
CA ARG A 100 -17.38 -11.55 -9.52
C ARG A 100 -16.93 -12.63 -8.53
N THR A 101 -17.86 -13.36 -7.95
CA THR A 101 -17.55 -14.23 -6.79
C THR A 101 -17.19 -15.70 -7.10
N GLY A 102 -17.32 -16.14 -8.35
CA GLY A 102 -17.08 -17.53 -8.75
C GLY A 102 -15.80 -18.24 -8.31
N VAL A 103 -14.68 -17.55 -8.46
CA VAL A 103 -13.34 -18.06 -8.12
C VAL A 103 -12.74 -17.13 -7.08
N PRO A 104 -12.99 -17.41 -5.79
CA PRO A 104 -12.56 -16.49 -4.74
C PRO A 104 -11.04 -16.44 -4.56
N LEU A 105 -10.50 -15.24 -4.46
CA LEU A 105 -9.07 -15.03 -4.23
C LEU A 105 -8.77 -14.51 -2.80
N LEU A 106 -9.74 -14.68 -1.90
CA LEU A 106 -9.50 -14.54 -0.46
C LEU A 106 -10.20 -15.68 0.25
N PRO A 107 -9.62 -16.15 1.37
CA PRO A 107 -10.34 -17.15 2.18
C PRO A 107 -11.55 -16.53 2.92
N GLU A 108 -12.32 -17.35 3.60
CA GLU A 108 -13.53 -16.86 4.28
C GLU A 108 -13.27 -16.43 5.71
N GLU A 109 -12.34 -17.10 6.36
CA GLU A 109 -12.13 -16.87 7.80
C GLU A 109 -11.36 -15.56 7.99
N PRO A 110 -11.82 -14.69 8.89
CA PRO A 110 -11.21 -13.35 9.01
C PRO A 110 -9.71 -13.28 9.37
N ARG A 111 -9.20 -14.12 10.26
CA ARG A 111 -7.77 -14.09 10.55
C ARG A 111 -6.93 -14.50 9.33
N ALA A 112 -7.43 -15.50 8.60
CA ALA A 112 -6.77 -15.94 7.36
C ALA A 112 -6.78 -14.85 6.29
N ARG A 113 -7.91 -14.15 6.15
CA ARG A 113 -8.03 -13.02 5.24
C ARG A 113 -7.07 -11.91 5.58
N ALA A 114 -7.00 -11.60 6.88
CA ALA A 114 -6.12 -10.55 7.34
C ALA A 114 -4.65 -10.90 7.14
N ARG A 115 -4.28 -12.15 7.34
CA ARG A 115 -2.90 -12.56 7.09
C ARG A 115 -2.57 -12.46 5.59
N ALA A 116 -3.48 -12.94 4.75
CA ALA A 116 -3.27 -12.85 3.30
C ALA A 116 -3.10 -11.40 2.86
N ARG A 117 -3.95 -10.53 3.39
CA ARG A 117 -3.85 -9.12 3.07
C ARG A 117 -2.57 -8.48 3.60
N SER A 118 -2.14 -8.87 4.80
CA SER A 118 -0.92 -8.36 5.38
C SER A 118 0.28 -8.71 4.51
N LEU A 119 0.36 -9.97 4.10
CA LEU A 119 1.44 -10.41 3.22
C LEU A 119 1.40 -9.65 1.88
N ALA A 120 0.21 -9.48 1.33
CA ALA A 120 0.02 -8.72 0.12
C ALA A 120 0.56 -7.29 0.28
N GLN A 121 0.28 -6.71 1.44
CA GLN A 121 0.65 -5.33 1.70
C GLN A 121 2.13 -5.14 2.01
N VAL A 122 2.79 -6.15 2.56
CA VAL A 122 4.25 -6.10 2.66
C VAL A 122 4.81 -5.73 1.27
N VAL A 123 4.26 -6.33 0.23
CA VAL A 123 4.68 -6.04 -1.15
C VAL A 123 4.08 -4.73 -1.65
N ALA A 124 2.77 -4.63 -1.61
CA ALA A 124 2.06 -3.54 -2.30
C ALA A 124 2.21 -2.19 -1.63
N CYS A 125 2.44 -2.19 -0.31
CA CYS A 125 2.69 -0.95 0.42
C CYS A 125 4.17 -0.74 0.65
N ASP A 126 4.85 -1.75 1.21
CA ASP A 126 6.17 -1.47 1.76
C ASP A 126 7.36 -1.86 0.89
N THR A 127 7.11 -2.42 -0.29
CA THR A 127 8.20 -2.81 -1.16
C THR A 127 8.08 -2.12 -2.52
N HIS A 128 7.02 -2.46 -3.25
CA HIS A 128 6.84 -2.00 -4.62
C HIS A 128 6.86 -0.47 -4.82
N PRO A 129 6.18 0.30 -3.94
CA PRO A 129 6.17 1.75 -4.12
C PRO A 129 7.55 2.40 -4.01
N LEU A 130 8.51 1.66 -3.47
CA LEU A 130 9.87 2.17 -3.33
C LEU A 130 10.71 1.99 -4.59
N TYR A 131 10.19 1.27 -5.58
CA TYR A 131 11.01 1.01 -6.80
C TYR A 131 10.33 1.35 -8.12
N VAL A 132 9.19 2.02 -8.06
CA VAL A 132 8.49 2.45 -9.24
C VAL A 132 9.27 3.53 -10.01
N PRO A 133 8.93 3.74 -11.31
CA PRO A 133 9.75 4.64 -12.12
C PRO A 133 9.89 6.05 -11.54
N ARG A 134 8.84 6.60 -10.94
CA ARG A 134 8.93 7.97 -10.44
C ARG A 134 9.99 8.09 -9.32
N VAL A 135 10.17 7.01 -8.55
CA VAL A 135 11.19 6.98 -7.50
C VAL A 135 12.58 6.90 -8.12
N ARG A 136 12.73 6.01 -9.10
CA ARG A 136 14.01 5.83 -9.79
C ARG A 136 14.48 7.12 -10.44
N THR A 137 13.55 7.80 -11.12
CA THR A 137 13.89 9.06 -11.78
CA THR A 137 13.82 9.07 -11.78
C THR A 137 14.13 10.20 -10.78
N PHE A 138 13.39 10.24 -9.68
CA PHE A 138 13.61 11.28 -8.67
C PHE A 138 15.02 11.17 -8.05
N LEU A 139 15.44 9.95 -7.73
CA LEU A 139 16.76 9.76 -7.14
C LEU A 139 17.88 10.26 -8.06
N MET A 140 17.76 9.96 -9.35
CA MET A 140 18.71 10.45 -10.33
C MET A 140 18.62 11.97 -10.50
N GLU A 141 17.41 12.49 -10.71
CA GLU A 141 17.27 13.89 -11.10
C GLU A 141 17.42 14.82 -9.92
N ASN A 142 16.90 14.42 -8.77
CA ASN A 142 16.98 15.31 -7.60
C ASN A 142 18.34 15.31 -6.92
N TYR A 143 19.01 14.16 -6.88
CA TYR A 143 20.32 14.05 -6.22
C TYR A 143 21.52 13.89 -7.13
N GLY A 144 21.30 13.73 -8.43
CA GLY A 144 22.40 13.56 -9.35
C GLY A 144 23.02 12.16 -9.23
N LEU A 145 22.29 11.22 -8.67
CA LEU A 145 22.79 9.85 -8.57
C LEU A 145 22.80 9.19 -9.94
N PRO A 146 23.86 8.45 -10.25
CA PRO A 146 23.83 7.64 -11.46
C PRO A 146 22.89 6.49 -11.26
N ARG A 147 22.42 5.94 -12.38
CA ARG A 147 21.53 4.81 -12.35
C ARG A 147 22.05 3.68 -11.43
N GLU A 148 23.37 3.44 -11.49
CA GLU A 148 23.97 2.33 -10.75
C GLU A 148 23.79 2.52 -9.23
N ARG A 149 23.87 3.76 -8.77
CA ARG A 149 23.70 4.05 -7.33
CA ARG A 149 23.71 4.03 -7.35
C ARG A 149 22.24 4.16 -6.97
N MET A 150 21.43 4.72 -7.86
CA MET A 150 19.98 4.72 -7.66
C MET A 150 19.49 3.29 -7.41
N LEU A 151 20.07 2.32 -8.14
CA LEU A 151 19.60 0.94 -8.03
C LEU A 151 19.86 0.32 -6.65
N GLU A 152 20.76 0.92 -5.87
CA GLU A 152 20.98 0.45 -4.50
C GLU A 152 19.72 0.61 -3.66
N PHE A 153 18.96 1.68 -3.91
CA PHE A 153 17.68 1.91 -3.24
C PHE A 153 16.67 0.83 -3.65
N LEU A 154 16.56 0.56 -4.95
CA LEU A 154 15.64 -0.48 -5.46
C LEU A 154 16.03 -1.86 -4.90
N ARG A 155 17.32 -2.18 -4.90
CA ARG A 155 17.78 -3.47 -4.40
C ARG A 155 17.49 -3.62 -2.92
N ASN A 156 17.73 -2.55 -2.16
CA ASN A 156 17.40 -2.59 -0.73
C ASN A 156 15.91 -2.81 -0.48
N ALA A 157 15.05 -2.17 -1.27
CA ALA A 157 13.62 -2.39 -1.14
C ALA A 157 13.24 -3.84 -1.40
N PHE A 158 13.73 -4.39 -2.51
CA PHE A 158 13.49 -5.80 -2.86
C PHE A 158 13.95 -6.75 -1.75
N ILE A 159 15.16 -6.57 -1.28
CA ILE A 159 15.77 -7.48 -0.34
C ILE A 159 15.05 -7.39 0.99
N THR A 160 14.70 -6.17 1.39
CA THR A 160 13.95 -5.98 2.63
C THR A 160 12.62 -6.72 2.59
N GLY A 161 11.89 -6.55 1.49
CA GLY A 161 10.62 -7.24 1.33
C GLY A 161 10.77 -8.76 1.24
N LEU A 162 11.76 -9.21 0.47
CA LEU A 162 11.98 -10.66 0.33
C LEU A 162 12.37 -11.33 1.65
N LYS A 163 13.22 -10.68 2.43
CA LYS A 163 13.59 -11.22 3.74
C LYS A 163 12.38 -11.33 4.68
N THR A 164 11.55 -10.29 4.69
CA THR A 164 10.32 -10.29 5.47
C THR A 164 9.41 -11.42 5.07
N LEU A 165 9.19 -11.56 3.76
CA LEU A 165 8.30 -12.58 3.26
C LEU A 165 8.83 -13.98 3.55
N GLU A 166 10.14 -14.16 3.36
CA GLU A 166 10.73 -15.46 3.60
C GLU A 166 10.57 -15.87 5.06
N THR A 167 10.84 -14.94 5.97
CA THR A 167 10.71 -15.21 7.40
C THR A 167 9.27 -15.54 7.75
N ARG A 168 8.34 -14.73 7.25
CA ARG A 168 6.94 -14.91 7.61
C ARG A 168 6.35 -16.18 7.05
N LEU A 169 6.65 -16.44 5.78
CA LEU A 169 6.12 -17.60 5.12
C LEU A 169 6.71 -18.89 5.67
N SER A 170 7.99 -18.88 6.04
CA SER A 170 8.68 -20.07 6.53
CA SER A 170 8.62 -20.11 6.50
C SER A 170 8.28 -20.41 7.96
N ASN A 171 7.96 -19.39 8.76
CA ASN A 171 7.74 -19.59 10.19
C ASN A 171 6.29 -19.59 10.63
N GLU A 172 5.39 -18.98 9.86
CA GLU A 172 3.98 -18.87 10.27
C GLU A 172 3.17 -20.09 9.85
N ALA A 173 2.28 -20.53 10.75
CA ALA A 173 1.46 -21.73 10.54
C ALA A 173 0.53 -21.64 9.32
N GLY A 174 0.10 -20.42 8.97
CA GLY A 174 -0.87 -20.25 7.89
C GLY A 174 -0.40 -20.67 6.49
N THR A 175 0.90 -20.67 6.25
CA THR A 175 1.41 -21.01 4.91
C THR A 175 1.08 -22.46 4.54
N GLY A 176 0.66 -22.70 3.31
CA GLY A 176 0.49 -24.07 2.81
C GLY A 176 1.14 -24.22 1.45
N ARG A 177 0.39 -24.75 0.48
CA ARG A 177 0.83 -24.78 -0.92
C ARG A 177 1.04 -23.34 -1.43
N PHE A 178 0.21 -22.42 -0.98
CA PHE A 178 0.31 -21.00 -1.34
C PHE A 178 0.60 -20.18 -0.07
N CYS A 179 0.65 -18.86 -0.20
CA CYS A 179 0.96 -17.96 0.94
C CYS A 179 0.06 -18.20 2.15
N GLN A 180 -1.24 -18.34 1.88
CA GLN A 180 -2.23 -18.59 2.89
C GLN A 180 -2.98 -19.87 2.52
N GLY A 181 -2.73 -20.93 3.27
CA GLY A 181 -3.38 -22.21 3.02
C GLY A 181 -3.05 -22.77 1.65
N ASP A 182 -4.02 -23.47 1.06
CA ASP A 182 -3.81 -24.22 -0.17
C ASP A 182 -4.64 -23.65 -1.31
N ALA A 183 -5.04 -22.38 -1.18
CA ALA A 183 -5.81 -21.70 -2.22
C ALA A 183 -5.11 -20.40 -2.58
N VAL A 184 -5.07 -20.08 -3.86
CA VAL A 184 -4.46 -18.84 -4.32
C VAL A 184 -5.21 -17.64 -3.72
N SER A 185 -4.45 -16.64 -3.30
CA SER A 185 -5.05 -15.43 -2.73
C SER A 185 -4.36 -14.17 -3.22
N HIS A 186 -4.88 -13.02 -2.81
CA HIS A 186 -4.21 -11.73 -3.09
C HIS A 186 -2.74 -11.73 -2.68
N ALA A 187 -2.39 -12.45 -1.62
CA ALA A 187 -1.00 -12.52 -1.20
C ALA A 187 -0.12 -13.08 -2.33
N ASP A 188 -0.60 -14.14 -2.97
CA ASP A 188 0.15 -14.79 -4.05
C ASP A 188 0.27 -13.92 -5.29
N LEU A 189 -0.79 -13.17 -5.59
CA LEU A 189 -0.74 -12.25 -6.74
C LEU A 189 0.31 -11.16 -6.49
N CYS A 190 0.35 -10.64 -5.27
CA CYS A 190 1.39 -9.66 -4.94
C CYS A 190 2.78 -10.29 -4.90
N LEU A 191 2.88 -11.48 -4.33
CA LEU A 191 4.17 -12.17 -4.24
C LEU A 191 4.77 -12.43 -5.61
N ILE A 192 3.97 -12.96 -6.54
CA ILE A 192 4.48 -13.24 -7.89
C ILE A 192 4.85 -11.94 -8.62
N SER A 193 4.14 -10.85 -8.33
CA SER A 193 4.46 -9.57 -8.95
C SER A 193 5.83 -9.07 -8.49
N LEU A 194 6.17 -9.33 -7.24
CA LEU A 194 7.54 -9.05 -6.75
C LEU A 194 8.56 -10.03 -7.37
N TRP A 195 8.23 -11.32 -7.37
CA TRP A 195 9.14 -12.34 -7.89
C TRP A 195 9.59 -12.08 -9.33
N VAL A 196 8.65 -11.74 -10.21
CA VAL A 196 8.99 -11.47 -11.60
CA VAL A 196 9.04 -11.51 -11.60
C VAL A 196 9.94 -10.27 -11.70
N GLY A 197 9.80 -9.34 -10.76
CA GLY A 197 10.70 -8.20 -10.66
C GLY A 197 12.13 -8.57 -10.31
N THR A 198 12.31 -9.64 -9.53
CA THR A 198 13.67 -10.09 -9.19
C THR A 198 14.40 -10.51 -10.45
N GLY A 199 13.67 -11.13 -11.37
CA GLY A 199 14.20 -11.48 -12.68
C GLY A 199 14.48 -10.25 -13.51
N ILE A 200 13.48 -9.37 -13.64
CA ILE A 200 13.64 -8.11 -14.39
C ILE A 200 14.79 -7.22 -13.88
N PHE A 201 14.88 -7.04 -12.57
CA PHE A 201 15.88 -6.14 -11.97
C PHE A 201 17.14 -6.84 -11.44
N GLY A 202 17.27 -8.15 -11.64
CA GLY A 202 18.50 -8.87 -11.28
C GLY A 202 18.77 -8.96 -9.77
N ILE A 203 17.78 -9.39 -9.00
CA ILE A 203 17.95 -9.57 -7.55
C ILE A 203 18.24 -11.05 -7.32
N ASP A 204 19.30 -11.36 -6.60
CA ASP A 204 19.62 -12.74 -6.24
C ASP A 204 18.56 -13.26 -5.29
N THR A 205 18.00 -14.44 -5.58
CA THR A 205 16.92 -14.95 -4.74
C THR A 205 17.28 -16.25 -4.01
N ALA A 206 18.57 -16.61 -3.98
CA ALA A 206 18.99 -17.87 -3.36
C ALA A 206 18.56 -17.94 -1.89
N ALA A 207 18.50 -16.81 -1.20
CA ALA A 207 18.22 -16.80 0.23
C ALA A 207 16.74 -16.97 0.55
N TYR A 208 15.86 -17.06 -0.46
CA TYR A 208 14.40 -17.08 -0.21
C TYR A 208 13.72 -18.33 -0.78
N PRO A 209 14.07 -19.51 -0.28
CA PRO A 209 13.54 -20.75 -0.87
C PRO A 209 12.03 -20.97 -0.73
N THR A 210 11.44 -20.49 0.35
CA THR A 210 9.99 -20.57 0.51
C THR A 210 9.25 -19.67 -0.48
N VAL A 211 9.75 -18.45 -0.63
CA VAL A 211 9.24 -17.51 -1.63
C VAL A 211 9.36 -18.12 -3.03
N LYS A 212 10.50 -18.76 -3.29
CA LYS A 212 10.71 -19.43 -4.58
C LYS A 212 9.70 -20.55 -4.82
N ARG A 213 9.54 -21.42 -3.83
CA ARG A 213 8.62 -22.55 -3.96
C ARG A 213 7.21 -22.07 -4.29
N ILE A 214 6.70 -21.13 -3.51
CA ILE A 214 5.37 -20.61 -3.71
C ILE A 214 5.25 -19.85 -5.05
N SER A 215 6.25 -19.04 -5.39
CA SER A 215 6.21 -18.29 -6.65
C SER A 215 6.14 -19.24 -7.85
N GLU A 216 6.90 -20.32 -7.80
CA GLU A 216 6.88 -21.30 -8.89
C GLU A 216 5.55 -22.07 -8.96
N GLU A 217 4.92 -22.30 -7.80
CA GLU A 217 3.60 -22.92 -7.73
C GLU A 217 2.58 -22.00 -8.40
N VAL A 218 2.71 -20.70 -8.15
CA VAL A 218 1.81 -19.70 -8.72
C VAL A 218 2.02 -19.55 -10.22
N LEU A 219 3.28 -19.49 -10.62
CA LEU A 219 3.63 -19.31 -12.02
C LEU A 219 3.29 -20.50 -12.91
N ALA A 220 3.12 -21.68 -12.31
CA ALA A 220 2.73 -22.86 -13.05
C ALA A 220 1.25 -22.80 -13.53
N LEU A 221 0.48 -21.85 -13.02
CA LEU A 221 -0.93 -21.67 -13.42
C LEU A 221 -1.03 -20.91 -14.74
N ASP A 222 -1.83 -21.45 -15.66
CA ASP A 222 -2.12 -20.80 -16.95
C ASP A 222 -2.55 -19.32 -16.77
N ALA A 223 -3.46 -19.07 -15.85
CA ALA A 223 -4.00 -17.71 -15.66
C ALA A 223 -2.91 -16.73 -15.30
N VAL A 224 -1.92 -17.19 -14.53
CA VAL A 224 -0.82 -16.34 -14.10
C VAL A 224 0.19 -16.19 -15.22
N ALA A 225 0.59 -17.30 -15.83
CA ALA A 225 1.55 -17.27 -16.91
C ALA A 225 1.10 -16.41 -18.08
N ARG A 226 -0.18 -16.49 -18.46
CA ARG A 226 -0.70 -15.67 -19.55
C ARG A 226 -0.56 -14.18 -19.28
N ALA A 227 -0.62 -13.82 -18.00
CA ALA A 227 -0.52 -12.45 -17.53
C ALA A 227 0.91 -11.91 -17.37
N HIS A 228 1.90 -12.79 -17.53
CA HIS A 228 3.30 -12.46 -17.23
C HIS A 228 3.77 -11.26 -18.06
N PRO A 229 4.48 -10.31 -17.42
CA PRO A 229 5.04 -9.16 -18.13
C PRO A 229 5.71 -9.49 -19.46
N LEU A 230 6.52 -10.55 -19.49
CA LEU A 230 7.27 -10.91 -20.70
C LEU A 230 6.40 -11.45 -21.84
N ARG A 231 5.13 -11.74 -21.59
CA ARG A 231 4.20 -12.07 -22.67
C ARG A 231 3.35 -10.91 -23.15
N GLN A 232 3.54 -9.73 -22.58
CA GLN A 232 2.74 -8.57 -22.98
C GLN A 232 3.44 -7.73 -24.08
N PRO A 233 2.65 -7.02 -24.91
CA PRO A 233 3.21 -6.11 -25.90
C PRO A 233 4.14 -5.08 -25.28
N GLY A 234 5.30 -4.87 -25.90
CA GLY A 234 6.31 -3.97 -25.39
C GLY A 234 7.44 -4.67 -24.65
N ALA A 235 7.28 -5.95 -24.35
CA ALA A 235 8.27 -6.69 -23.58
C ALA A 235 9.54 -6.95 -24.42
N PRO A 236 10.69 -7.08 -23.74
CA PRO A 236 11.91 -7.46 -24.42
C PRO A 236 11.87 -8.95 -24.67
N ALA A 237 12.88 -9.45 -25.35
CA ALA A 237 12.98 -10.88 -25.63
C ALA A 237 13.19 -11.70 -24.36
N VAL B 24 -7.68 -6.13 23.08
CA VAL B 24 -6.82 -5.78 21.88
C VAL B 24 -5.53 -5.10 22.36
N LYS B 25 -4.38 -5.55 21.84
CA LYS B 25 -3.08 -4.99 22.23
C LYS B 25 -2.35 -4.58 20.97
N MET B 26 -2.02 -3.31 20.87
CA MET B 26 -1.35 -2.77 19.68
C MET B 26 0.04 -2.28 20.04
N TYR B 27 1.04 -2.74 19.28
CA TYR B 27 2.39 -2.19 19.34
C TYR B 27 2.40 -1.00 18.40
N GLY B 28 2.67 0.17 18.96
CA GLY B 28 2.53 1.41 18.25
C GLY B 28 3.66 2.38 18.55
N ASN B 29 3.37 3.66 18.37
CA ASN B 29 4.34 4.73 18.52
C ASN B 29 3.57 6.02 18.42
N TRP B 30 3.98 7.05 19.14
CA TRP B 30 3.19 8.28 19.17
C TRP B 30 3.06 8.96 17.83
N ARG B 31 4.14 8.99 17.05
CA ARG B 31 4.21 9.77 15.82
CA ARG B 31 4.14 9.78 15.84
C ARG B 31 3.66 9.01 14.62
N SER B 32 3.74 7.69 14.68
CA SER B 32 3.42 6.79 13.54
C SER B 32 2.09 7.07 12.86
N ALA B 33 2.15 7.40 11.58
CA ALA B 33 0.93 7.54 10.79
C ALA B 33 0.15 6.25 10.67
N ALA B 34 0.83 5.13 10.49
CA ALA B 34 0.13 3.86 10.34
C ALA B 34 -0.60 3.46 11.64
N ALA B 35 0.06 3.63 12.78
CA ALA B 35 -0.59 3.37 14.08
C ALA B 35 -1.80 4.28 14.30
N PHE B 36 -1.68 5.54 13.91
CA PHE B 36 -2.77 6.52 14.02
C PHE B 36 -4.02 6.04 13.27
N ARG B 37 -3.85 5.48 12.07
CA ARG B 37 -4.97 4.95 11.30
C ARG B 37 -5.79 3.93 12.08
N VAL B 38 -5.08 3.00 12.70
CA VAL B 38 -5.70 1.94 13.46
C VAL B 38 -6.33 2.48 14.74
N ARG B 39 -5.60 3.39 15.40
CA ARG B 39 -6.08 3.99 16.66
C ARG B 39 -7.41 4.71 16.46
N ILE B 40 -7.54 5.43 15.35
CA ILE B 40 -8.79 6.09 15.02
C ILE B 40 -9.95 5.09 14.93
N ALA B 41 -9.74 4.00 14.19
CA ALA B 41 -10.76 2.98 14.00
C ALA B 41 -11.17 2.34 15.33
N LEU B 42 -10.18 2.05 16.19
CA LEU B 42 -10.47 1.49 17.50
C LEU B 42 -11.39 2.43 18.27
N ASN B 43 -11.05 3.71 18.31
CA ASN B 43 -11.87 4.69 19.04
C ASN B 43 -13.26 4.85 18.40
N LEU B 44 -13.32 4.98 17.07
CA LEU B 44 -14.61 5.13 16.38
C LEU B 44 -15.55 3.96 16.63
N LYS B 45 -14.98 2.75 16.71
CA LYS B 45 -15.78 1.55 16.82
C LYS B 45 -16.05 1.12 18.26
N GLY B 46 -15.53 1.85 19.23
CA GLY B 46 -15.71 1.49 20.63
C GLY B 46 -14.98 0.22 21.01
N ILE B 47 -13.76 0.06 20.51
CA ILE B 47 -12.90 -1.06 20.83
C ILE B 47 -11.79 -0.60 21.76
N ALA B 48 -11.79 -1.13 22.98
CA ALA B 48 -10.76 -0.84 23.96
C ALA B 48 -9.45 -1.44 23.50
N TYR B 49 -8.35 -0.77 23.82
CA TYR B 49 -7.03 -1.25 23.45
C TYR B 49 -5.99 -0.85 24.46
N GLU B 50 -4.96 -1.69 24.52
CA GLU B 50 -3.71 -1.36 25.13
C GLU B 50 -2.75 -1.03 24.00
N GLU B 51 -2.05 0.10 24.10
CA GLU B 51 -0.99 0.42 23.15
C GLU B 51 0.35 0.38 23.85
N VAL B 52 1.30 -0.33 23.23
CA VAL B 52 2.67 -0.38 23.73
C VAL B 52 3.44 0.54 22.81
N PHE B 53 4.05 1.58 23.38
CA PHE B 53 4.68 2.63 22.58
C PHE B 53 6.15 2.35 22.39
N LEU B 54 6.54 2.00 21.16
CA LEU B 54 7.95 1.85 20.81
C LEU B 54 8.59 3.21 20.56
N ASP B 55 9.87 3.34 20.91
CA ASP B 55 10.69 4.46 20.47
C ASP B 55 11.41 4.09 19.16
N LEU B 56 10.92 4.63 18.04
CA LEU B 56 11.46 4.32 16.71
C LEU B 56 12.78 5.06 16.39
N ASP B 57 13.11 6.10 17.13
CA ASP B 57 14.43 6.75 16.98
C ASP B 57 15.49 5.94 17.71
N ALA B 58 15.12 5.36 18.86
CA ALA B 58 16.00 4.51 19.63
C ALA B 58 16.20 3.12 19.01
N GLY B 59 15.37 2.75 18.03
CA GLY B 59 15.48 1.47 17.35
C GLY B 59 14.85 0.29 18.07
N ASP B 60 13.83 0.55 18.91
CA ASP B 60 13.09 -0.53 19.60
C ASP B 60 12.51 -1.53 18.59
N GLN B 61 12.16 -1.04 17.41
CA GLN B 61 11.56 -1.85 16.36
C GLN B 61 12.54 -2.84 15.72
N HIS B 62 13.84 -2.67 15.98
CA HIS B 62 14.89 -3.55 15.48
C HIS B 62 15.34 -4.56 16.55
N LYS B 63 14.76 -4.50 17.74
CA LYS B 63 15.19 -5.40 18.81
C LYS B 63 14.61 -6.80 18.58
N PRO B 64 15.37 -7.86 18.94
CA PRO B 64 14.93 -9.24 18.64
C PRO B 64 13.54 -9.58 19.13
N ASP B 65 13.20 -9.15 20.35
CA ASP B 65 11.87 -9.40 20.92
C ASP B 65 10.77 -8.87 20.03
N PHE B 66 10.96 -7.68 19.47
CA PHE B 66 9.95 -7.14 18.61
C PHE B 66 9.98 -7.78 17.21
N LEU B 67 11.16 -8.07 16.69
CA LEU B 67 11.24 -8.76 15.39
C LEU B 67 10.56 -10.12 15.43
N ALA B 68 10.55 -10.76 16.60
CA ALA B 68 9.80 -12.00 16.81
C ALA B 68 8.29 -11.77 16.66
N ILE B 69 7.83 -10.57 16.96
CA ILE B 69 6.43 -10.20 16.79
C ILE B 69 6.15 -9.78 15.33
N ASN B 70 6.99 -8.92 14.79
CA ASN B 70 6.87 -8.47 13.40
C ASN B 70 8.25 -8.45 12.75
N PRO B 71 8.55 -9.45 11.89
CA PRO B 71 9.88 -9.49 11.25
C PRO B 71 10.20 -8.25 10.42
N GLN B 72 9.17 -7.51 10.03
CA GLN B 72 9.34 -6.24 9.33
C GLN B 72 9.98 -5.14 10.15
N GLY B 73 9.89 -5.25 11.47
CA GLY B 73 10.41 -4.21 12.35
C GLY B 73 9.65 -2.90 12.16
N ALA B 74 8.32 -3.00 12.11
CA ALA B 74 7.47 -1.82 11.95
C ALA B 74 6.21 -1.91 12.80
N VAL B 75 5.59 -0.76 13.02
CA VAL B 75 4.31 -0.67 13.69
C VAL B 75 3.26 -0.14 12.72
N PRO B 76 1.97 -0.48 12.94
CA PRO B 76 1.43 -1.26 14.06
C PRO B 76 1.53 -2.78 13.90
N ALA B 77 1.57 -3.46 15.04
CA ALA B 77 1.31 -4.89 15.12
C ALA B 77 0.23 -5.07 16.18
N LEU B 78 -0.79 -5.84 15.86
CA LEU B 78 -1.95 -5.95 16.76
C LEU B 78 -2.21 -7.40 17.15
N PHE B 79 -2.43 -7.63 18.44
CA PHE B 79 -2.86 -8.92 18.94
C PHE B 79 -4.33 -8.83 19.31
N ASP B 80 -5.10 -9.80 18.83
CA ASP B 80 -6.52 -9.89 19.16
C ASP B 80 -6.71 -11.22 19.83
N GLY B 81 -6.74 -11.21 21.16
CA GLY B 81 -6.83 -12.43 21.93
C GLY B 81 -5.59 -13.29 21.73
N ASP B 82 -5.80 -14.60 21.61
CA ASP B 82 -4.70 -15.56 21.65
C ASP B 82 -3.95 -15.80 20.32
N GLY B 83 -4.52 -15.42 19.19
CA GLY B 83 -3.93 -15.72 17.89
C GLY B 83 -2.59 -15.06 17.60
N PRO B 84 -2.00 -15.34 16.42
CA PRO B 84 -0.77 -14.64 16.03
C PRO B 84 -1.03 -13.15 15.78
N PRO B 85 0.02 -12.32 15.84
CA PRO B 85 -0.19 -10.91 15.63
C PRO B 85 -0.53 -10.58 14.16
N LEU B 86 -1.24 -9.48 14.00
CA LEU B 86 -1.60 -8.96 12.70
C LEU B 86 -0.81 -7.69 12.43
N THR B 87 -0.25 -7.57 11.23
CA THR B 87 0.41 -6.36 10.82
C THR B 87 -0.24 -5.79 9.57
N GLN B 88 0.20 -4.58 9.21
CA GLN B 88 -0.31 -3.78 8.08
C GLN B 88 -1.64 -3.10 8.38
N SER B 89 -1.57 -1.79 8.53
CA SER B 89 -2.71 -0.98 8.93
C SER B 89 -3.98 -1.23 8.11
N LEU B 90 -3.87 -1.34 6.77
CA LEU B 90 -5.11 -1.57 5.99
C LEU B 90 -5.70 -2.96 6.26
N ALA B 91 -4.83 -3.97 6.31
CA ALA B 91 -5.26 -5.33 6.64
C ALA B 91 -5.93 -5.34 8.02
N ILE B 92 -5.33 -4.63 8.97
CA ILE B 92 -5.90 -4.53 10.33
C ILE B 92 -7.26 -3.80 10.30
N LEU B 93 -7.35 -2.70 9.55
CA LEU B 93 -8.63 -1.99 9.42
C LEU B 93 -9.73 -2.91 8.91
N ASP B 94 -9.44 -3.69 7.87
CA ASP B 94 -10.43 -4.66 7.36
C ASP B 94 -10.73 -5.76 8.37
N TYR B 95 -9.73 -6.21 9.12
CA TYR B 95 -9.94 -7.20 10.16
C TYR B 95 -10.92 -6.66 11.22
N LEU B 96 -10.73 -5.42 11.64
CA LEU B 96 -11.60 -4.84 12.65
C LEU B 96 -13.01 -4.69 12.09
N GLU B 97 -13.11 -4.27 10.83
CA GLU B 97 -14.40 -4.21 10.15
C GLU B 97 -15.14 -5.56 10.20
N GLU B 98 -14.40 -6.63 9.93
CA GLU B 98 -14.98 -7.95 9.76
C GLU B 98 -15.25 -8.70 11.03
N THR B 99 -14.56 -8.36 12.13
CA THR B 99 -14.68 -9.17 13.33
C THR B 99 -15.33 -8.45 14.49
N ARG B 100 -15.54 -7.14 14.35
CA ARG B 100 -16.14 -6.35 15.40
C ARG B 100 -17.41 -5.68 14.90
N THR B 101 -18.23 -5.24 15.85
CA THR B 101 -19.37 -4.38 15.54
C THR B 101 -18.84 -2.97 15.57
N GLY B 102 -19.72 -1.99 15.71
CA GLY B 102 -19.31 -0.60 15.68
C GLY B 102 -19.50 0.02 14.31
N VAL B 103 -19.39 1.34 14.25
CA VAL B 103 -19.72 2.07 13.03
C VAL B 103 -18.95 1.54 11.82
N PRO B 104 -19.66 1.31 10.69
CA PRO B 104 -18.96 0.97 9.45
C PRO B 104 -17.98 2.03 9.00
N LEU B 105 -16.80 1.61 8.54
CA LEU B 105 -15.84 2.50 7.92
C LEU B 105 -15.63 2.18 6.45
N LEU B 106 -16.52 1.36 5.88
CA LEU B 106 -16.62 1.21 4.45
C LEU B 106 -18.09 1.22 4.07
N PRO B 107 -18.41 1.79 2.91
CA PRO B 107 -19.76 1.72 2.41
C PRO B 107 -20.18 0.31 2.01
N GLU B 108 -21.45 0.19 1.63
CA GLU B 108 -22.01 -1.09 1.20
C GLU B 108 -21.74 -1.43 -0.26
N GLU B 109 -21.72 -0.43 -1.15
CA GLU B 109 -21.71 -0.69 -2.59
C GLU B 109 -20.28 -0.83 -3.10
N PRO B 110 -20.01 -1.85 -3.94
CA PRO B 110 -18.62 -2.13 -4.33
C PRO B 110 -17.87 -0.99 -5.02
N ARG B 111 -18.49 -0.25 -5.94
CA ARG B 111 -17.78 0.86 -6.57
C ARG B 111 -17.35 1.90 -5.55
N ALA B 112 -18.23 2.20 -4.57
CA ALA B 112 -17.92 3.14 -3.50
C ALA B 112 -16.82 2.64 -2.57
N ARG B 113 -16.88 1.36 -2.22
CA ARG B 113 -15.81 0.72 -1.44
C ARG B 113 -14.46 0.79 -2.14
N ALA B 114 -14.46 0.49 -3.45
CA ALA B 114 -13.25 0.53 -4.24
C ALA B 114 -12.67 1.91 -4.31
N ARG B 115 -13.52 2.92 -4.47
CA ARG B 115 -13.02 4.30 -4.49
C ARG B 115 -12.42 4.69 -3.13
N ALA B 116 -13.13 4.40 -2.04
CA ALA B 116 -12.62 4.68 -0.70
C ALA B 116 -11.26 4.01 -0.49
N ARG B 117 -11.17 2.73 -0.85
CA ARG B 117 -9.91 2.00 -0.74
C ARG B 117 -8.81 2.54 -1.63
N SER B 118 -9.15 3.00 -2.83
CA SER B 118 -8.16 3.56 -3.73
CA SER B 118 -8.17 3.57 -3.73
C SER B 118 -7.60 4.85 -3.14
N LEU B 119 -8.46 5.74 -2.66
CA LEU B 119 -7.99 6.98 -2.02
C LEU B 119 -7.13 6.65 -0.79
N ALA B 120 -7.55 5.66 0.01
CA ALA B 120 -6.74 5.21 1.14
C ALA B 120 -5.35 4.78 0.67
N GLN B 121 -5.31 4.00 -0.41
CA GLN B 121 -4.07 3.43 -0.89
C GLN B 121 -3.13 4.44 -1.57
N VAL B 122 -3.67 5.52 -2.14
CA VAL B 122 -2.81 6.62 -2.58
C VAL B 122 -1.86 7.02 -1.44
N VAL B 123 -2.40 7.07 -0.22
CA VAL B 123 -1.60 7.38 0.95
C VAL B 123 -0.84 6.15 1.43
N ALA B 124 -1.56 5.08 1.73
CA ALA B 124 -0.96 3.94 2.45
C ALA B 124 0.04 3.16 1.60
N CYS B 125 -0.16 3.14 0.28
CA CYS B 125 0.79 2.47 -0.61
C CYS B 125 1.78 3.45 -1.18
N ASP B 126 1.30 4.53 -1.78
CA ASP B 126 2.15 5.28 -2.68
C ASP B 126 2.84 6.46 -2.04
N THR B 127 2.46 6.86 -0.84
CA THR B 127 3.00 8.09 -0.26
C THR B 127 3.75 7.80 1.05
N HIS B 128 3.03 7.31 2.03
CA HIS B 128 3.59 7.05 3.37
C HIS B 128 4.86 6.17 3.43
N PRO B 129 4.91 5.04 2.68
CA PRO B 129 6.10 4.20 2.77
C PRO B 129 7.40 4.89 2.34
N LEU B 130 7.27 6.00 1.61
CA LEU B 130 8.42 6.76 1.13
CA LEU B 130 8.41 6.77 1.12
C LEU B 130 9.01 7.70 2.17
N TYR B 131 8.30 7.92 3.28
CA TYR B 131 8.84 8.86 4.29
C TYR B 131 9.05 8.32 5.71
N VAL B 132 8.94 7.00 5.88
CA VAL B 132 9.15 6.37 7.19
C VAL B 132 10.62 6.37 7.61
N PRO B 133 10.90 6.20 8.92
CA PRO B 133 12.28 6.35 9.37
C PRO B 133 13.31 5.49 8.64
N ARG B 134 12.98 4.25 8.33
CA ARG B 134 13.93 3.37 7.67
C ARG B 134 14.42 3.94 6.33
N VAL B 135 13.52 4.58 5.59
CA VAL B 135 13.86 5.16 4.29
C VAL B 135 14.70 6.43 4.46
N ARG B 136 14.33 7.26 5.43
CA ARG B 136 15.11 8.46 5.75
C ARG B 136 16.53 8.09 6.15
N THR B 137 16.64 7.06 6.99
CA THR B 137 17.93 6.57 7.46
C THR B 137 18.76 6.01 6.31
N PHE B 138 18.13 5.21 5.45
CA PHE B 138 18.83 4.64 4.28
C PHE B 138 19.39 5.74 3.38
N LEU B 139 18.58 6.74 3.09
CA LEU B 139 19.05 7.88 2.27
C LEU B 139 20.29 8.55 2.86
N MET B 140 20.27 8.79 4.18
CA MET B 140 21.42 9.42 4.83
C MET B 140 22.62 8.50 4.91
N GLU B 141 22.42 7.23 5.27
CA GLU B 141 23.55 6.33 5.50
C GLU B 141 24.12 5.77 4.20
N ASN B 142 23.25 5.37 3.29
CA ASN B 142 23.70 4.74 2.05
C ASN B 142 24.33 5.74 1.10
N TYR B 143 23.74 6.94 1.01
CA TYR B 143 24.20 7.94 0.04
C TYR B 143 25.00 9.07 0.66
N GLY B 144 25.00 9.17 2.00
CA GLY B 144 25.67 10.26 2.67
C GLY B 144 24.95 11.58 2.53
N LEU B 145 23.64 11.53 2.33
CA LEU B 145 22.85 12.75 2.15
C LEU B 145 22.70 13.47 3.48
N PRO B 146 22.97 14.80 3.50
CA PRO B 146 22.62 15.59 4.67
C PRO B 146 21.12 15.51 4.94
N ARG B 147 20.76 15.70 6.21
CA ARG B 147 19.37 15.59 6.62
CA ARG B 147 19.37 15.60 6.63
C ARG B 147 18.46 16.43 5.72
N GLU B 148 18.89 17.66 5.44
CA GLU B 148 18.07 18.59 4.67
C GLU B 148 17.87 18.13 3.24
N ARG B 149 18.89 17.50 2.66
CA ARG B 149 18.76 16.93 1.34
C ARG B 149 17.86 15.69 1.34
N MET B 150 18.04 14.83 2.33
CA MET B 150 17.18 13.68 2.50
C MET B 150 15.72 14.11 2.60
N LEU B 151 15.46 15.21 3.31
CA LEU B 151 14.08 15.67 3.51
C LEU B 151 13.39 16.08 2.20
N GLU B 152 14.17 16.39 1.16
CA GLU B 152 13.59 16.64 -0.17
C GLU B 152 12.79 15.46 -0.68
N PHE B 153 13.25 14.25 -0.35
CA PHE B 153 12.55 13.01 -0.73
C PHE B 153 11.21 12.93 -0.01
N LEU B 154 11.24 13.18 1.30
CA LEU B 154 10.02 13.22 2.11
C LEU B 154 9.05 14.29 1.60
N ARG B 155 9.56 15.49 1.36
CA ARG B 155 8.70 16.60 0.91
C ARG B 155 8.05 16.27 -0.41
N ASN B 156 8.82 15.76 -1.36
CA ASN B 156 8.29 15.39 -2.66
C ASN B 156 7.19 14.32 -2.58
N ALA B 157 7.38 13.35 -1.69
CA ALA B 157 6.36 12.34 -1.49
C ALA B 157 5.07 12.96 -0.96
N PHE B 158 5.17 13.78 0.09
CA PHE B 158 3.99 14.49 0.58
C PHE B 158 3.26 15.26 -0.51
N ILE B 159 4.02 16.08 -1.22
CA ILE B 159 3.43 17.00 -2.22
C ILE B 159 2.79 16.22 -3.35
N THR B 160 3.45 15.16 -3.80
CA THR B 160 2.92 14.30 -4.84
C THR B 160 1.58 13.70 -4.41
N GLY B 161 1.53 13.15 -3.20
CA GLY B 161 0.30 12.56 -2.68
C GLY B 161 -0.80 13.60 -2.47
N LEU B 162 -0.44 14.76 -1.93
CA LEU B 162 -1.42 15.82 -1.71
C LEU B 162 -2.01 16.33 -3.03
N LYS B 163 -1.17 16.50 -4.05
CA LYS B 163 -1.65 16.94 -5.36
C LYS B 163 -2.64 15.92 -5.94
N THR B 164 -2.32 14.64 -5.83
CA THR B 164 -3.21 13.59 -6.34
C THR B 164 -4.54 13.60 -5.63
N LEU B 165 -4.47 13.64 -4.30
CA LEU B 165 -5.68 13.66 -3.50
C LEU B 165 -6.52 14.91 -3.76
N GLU B 166 -5.88 16.08 -3.85
CA GLU B 166 -6.63 17.33 -4.11
C GLU B 166 -7.37 17.25 -5.43
N THR B 167 -6.71 16.78 -6.47
CA THR B 167 -7.33 16.67 -7.79
C THR B 167 -8.48 15.67 -7.78
N ARG B 168 -8.24 14.50 -7.22
CA ARG B 168 -9.28 13.45 -7.16
C ARG B 168 -10.48 13.87 -6.35
N LEU B 169 -10.23 14.38 -5.15
CA LEU B 169 -11.32 14.78 -4.26
C LEU B 169 -12.11 15.97 -4.80
N SER B 170 -11.43 16.92 -5.46
CA SER B 170 -12.08 18.13 -5.97
CA SER B 170 -12.11 18.12 -5.95
C SER B 170 -12.91 17.86 -7.23
N ASN B 171 -12.49 16.89 -8.02
CA ASN B 171 -13.13 16.64 -9.32
C ASN B 171 -14.06 15.44 -9.42
N GLU B 172 -13.96 14.48 -8.51
CA GLU B 172 -14.75 13.26 -8.63
C GLU B 172 -16.09 13.41 -7.93
N ALA B 173 -17.13 12.86 -8.54
CA ALA B 173 -18.48 12.98 -8.01
C ALA B 173 -18.65 12.26 -6.66
N GLY B 174 -17.83 11.24 -6.40
CA GLY B 174 -17.97 10.45 -5.16
C GLY B 174 -17.72 11.20 -3.86
N THR B 175 -16.94 12.28 -3.91
CA THR B 175 -16.63 13.08 -2.73
C THR B 175 -17.87 13.79 -2.17
N GLY B 176 -18.05 13.72 -0.87
CA GLY B 176 -19.11 14.47 -0.21
C GLY B 176 -18.53 15.30 0.92
N ARG B 177 -19.13 15.22 2.09
CA ARG B 177 -18.56 15.81 3.31
C ARG B 177 -17.22 15.18 3.62
N PHE B 178 -17.12 13.87 3.36
CA PHE B 178 -15.90 13.13 3.53
C PHE B 178 -15.36 12.66 2.18
N CYS B 179 -14.27 11.88 2.21
CA CYS B 179 -13.60 11.43 0.98
C CYS B 179 -14.57 10.68 0.06
N GLN B 180 -15.36 9.79 0.65
CA GLN B 180 -16.37 9.03 -0.08
C GLN B 180 -17.73 9.29 0.57
N GLY B 181 -18.56 10.05 -0.13
CA GLY B 181 -19.90 10.39 0.36
C GLY B 181 -19.83 11.20 1.65
N ASP B 182 -20.80 10.96 2.52
CA ASP B 182 -21.01 11.75 3.70
C ASP B 182 -20.77 10.95 4.96
N ALA B 183 -20.05 9.84 4.85
CA ALA B 183 -19.72 9.00 5.99
C ALA B 183 -18.21 8.76 6.00
N VAL B 184 -17.63 8.83 7.19
CA VAL B 184 -16.19 8.58 7.38
C VAL B 184 -15.87 7.16 6.93
N SER B 185 -14.73 6.99 6.26
CA SER B 185 -14.28 5.69 5.78
C SER B 185 -12.78 5.53 5.93
N HIS B 186 -12.27 4.37 5.55
CA HIS B 186 -10.83 4.14 5.47
C HIS B 186 -10.08 5.25 4.73
N ALA B 187 -10.68 5.83 3.69
CA ALA B 187 -10.03 6.90 2.94
C ALA B 187 -9.68 8.08 3.85
N ASP B 188 -10.61 8.44 4.72
CA ASP B 188 -10.44 9.58 5.62
C ASP B 188 -9.40 9.30 6.70
N LEU B 189 -9.36 8.05 7.20
CA LEU B 189 -8.37 7.67 8.19
C LEU B 189 -6.96 7.78 7.61
N CYS B 190 -6.79 7.32 6.37
CA CYS B 190 -5.50 7.48 5.70
C CYS B 190 -5.20 8.93 5.35
N LEU B 191 -6.21 9.65 4.86
CA LEU B 191 -6.04 11.07 4.54
C LEU B 191 -5.56 11.88 5.75
N ILE B 192 -6.24 11.71 6.89
CA ILE B 192 -5.85 12.47 8.08
C ILE B 192 -4.47 12.04 8.59
N SER B 193 -4.10 10.78 8.39
CA SER B 193 -2.76 10.32 8.79
C SER B 193 -1.65 11.03 8.00
N LEU B 194 -1.96 11.38 6.75
CA LEU B 194 -1.05 12.20 5.94
C LEU B 194 -1.11 13.66 6.38
N TRP B 195 -2.32 14.19 6.56
CA TRP B 195 -2.52 15.59 6.89
C TRP B 195 -1.75 16.03 8.14
N VAL B 196 -1.82 15.21 9.20
CA VAL B 196 -1.14 15.57 10.44
C VAL B 196 0.36 15.61 10.23
N GLY B 197 0.87 14.81 9.29
CA GLY B 197 2.28 14.88 8.91
C GLY B 197 2.71 16.20 8.29
N THR B 198 1.77 16.90 7.64
CA THR B 198 2.10 18.19 7.02
C THR B 198 2.54 19.18 8.07
N GLY B 199 1.86 19.17 9.22
CA GLY B 199 2.25 20.02 10.34
C GLY B 199 3.59 19.59 10.93
N ILE B 200 3.72 18.30 11.22
CA ILE B 200 4.95 17.75 11.79
C ILE B 200 6.20 18.01 10.94
N PHE B 201 6.10 17.81 9.62
CA PHE B 201 7.25 18.03 8.72
C PHE B 201 7.28 19.38 7.99
N GLY B 202 6.37 20.28 8.32
CA GLY B 202 6.38 21.62 7.74
C GLY B 202 6.08 21.71 6.25
N ILE B 203 5.08 20.95 5.78
CA ILE B 203 4.65 21.00 4.37
C ILE B 203 3.57 22.06 4.20
N ASP B 204 3.75 22.97 3.25
CA ASP B 204 2.73 23.98 2.93
C ASP B 204 1.50 23.30 2.32
N THR B 205 0.33 23.67 2.80
CA THR B 205 -0.90 23.02 2.33
C THR B 205 -1.90 23.99 1.70
N ALA B 206 -1.47 25.23 1.44
CA ALA B 206 -2.35 26.23 0.82
C ALA B 206 -2.99 25.76 -0.49
N ALA B 207 -2.28 24.93 -1.25
CA ALA B 207 -2.75 24.46 -2.56
C ALA B 207 -3.77 23.32 -2.48
N TYR B 208 -4.12 22.84 -1.30
CA TYR B 208 -5.00 21.68 -1.19
C TYR B 208 -6.23 22.01 -0.33
N PRO B 209 -7.08 22.94 -0.79
CA PRO B 209 -8.25 23.35 0.02
C PRO B 209 -9.31 22.27 0.23
N THR B 210 -9.48 21.35 -0.72
CA THR B 210 -10.43 20.25 -0.53
C THR B 210 -9.91 19.27 0.51
N VAL B 211 -8.63 18.92 0.41
CA VAL B 211 -7.98 18.08 1.41
C VAL B 211 -8.11 18.74 2.79
N LYS B 212 -7.86 20.03 2.86
CA LYS B 212 -7.98 20.76 4.12
C LYS B 212 -9.41 20.69 4.69
N ARG B 213 -10.40 20.92 3.84
CA ARG B 213 -11.79 20.92 4.29
C ARG B 213 -12.15 19.57 4.89
N ILE B 214 -11.86 18.50 4.16
CA ILE B 214 -12.19 17.17 4.63
C ILE B 214 -11.39 16.85 5.89
N SER B 215 -10.10 17.23 5.91
CA SER B 215 -9.26 16.92 7.06
C SER B 215 -9.81 17.57 8.33
N GLU B 216 -10.32 18.79 8.20
CA GLU B 216 -10.92 19.49 9.33
C GLU B 216 -12.24 18.86 9.78
N GLU B 217 -13.04 18.35 8.83
CA GLU B 217 -14.25 17.59 9.18
C GLU B 217 -13.88 16.34 9.99
N VAL B 218 -12.80 15.69 9.56
CA VAL B 218 -12.33 14.45 10.19
C VAL B 218 -11.78 14.71 11.60
N LEU B 219 -10.96 15.75 11.73
CA LEU B 219 -10.37 16.16 13.01
C LEU B 219 -11.39 16.61 14.02
N ALA B 220 -12.52 17.12 13.55
CA ALA B 220 -13.60 17.54 14.44
C ALA B 220 -14.28 16.36 15.13
N LEU B 221 -14.06 15.14 14.66
CA LEU B 221 -14.62 13.94 15.31
C LEU B 221 -13.80 13.64 16.57
N ASP B 222 -14.44 13.54 17.72
CA ASP B 222 -13.72 13.36 18.99
C ASP B 222 -12.85 12.10 19.01
N ALA B 223 -13.32 11.03 18.39
CA ALA B 223 -12.56 9.79 18.27
C ALA B 223 -11.25 9.99 17.56
N VAL B 224 -11.25 10.83 16.52
CA VAL B 224 -10.06 11.14 15.78
C VAL B 224 -9.15 12.04 16.59
N ALA B 225 -9.74 13.07 17.19
CA ALA B 225 -8.97 13.99 17.99
C ALA B 225 -8.25 13.26 19.15
N ARG B 226 -8.94 12.31 19.78
CA ARG B 226 -8.32 11.55 20.87
C ARG B 226 -7.10 10.75 20.40
N ALA B 227 -7.18 10.25 19.16
CA ALA B 227 -6.15 9.40 18.59
C ALA B 227 -4.98 10.18 17.98
N HIS B 228 -5.08 11.51 17.94
CA HIS B 228 -4.10 12.34 17.23
C HIS B 228 -2.68 12.06 17.74
N PRO B 229 -1.70 11.90 16.84
CA PRO B 229 -0.33 11.68 17.27
C PRO B 229 0.20 12.63 18.35
N LEU B 230 -0.08 13.93 18.23
CA LEU B 230 0.42 14.93 19.16
C LEU B 230 -0.24 14.83 20.52
N ARG B 231 -1.25 13.99 20.65
CA ARG B 231 -1.93 13.78 21.95
C ARG B 231 -1.55 12.44 22.58
N GLN B 232 -0.61 11.70 21.97
CA GLN B 232 -0.20 10.40 22.50
C GLN B 232 0.98 10.49 23.45
N PRO B 233 1.02 9.60 24.46
CA PRO B 233 2.20 9.53 25.33
C PRO B 233 3.46 9.40 24.49
N GLY B 234 4.46 10.24 24.78
CA GLY B 234 5.69 10.31 24.00
C GLY B 234 5.77 11.55 23.15
N ALA B 235 4.62 12.16 22.83
CA ALA B 235 4.60 13.39 22.04
C ALA B 235 5.13 14.57 22.86
N PRO B 236 5.61 15.63 22.19
CA PRO B 236 6.09 16.80 22.93
C PRO B 236 5.02 17.50 23.77
N ALA B 237 5.43 18.19 24.82
CA ALA B 237 4.56 19.12 25.56
C ALA B 237 4.05 20.24 24.64
#